data_5W6K
#
_entry.id   5W6K
#
_cell.length_a   109.306
_cell.length_b   109.306
_cell.length_c   90.871
_cell.angle_alpha   90.000
_cell.angle_beta   90.000
_cell.angle_gamma   120.000
#
_symmetry.space_group_name_H-M   'P 31 2 1'
#
loop_
_entity.id
_entity.type
_entity.pdbx_description
1 polymer 'DNA polymerase I, thermostable'
2 polymer "DNA (5'-D(*GP*AP*CP*CP*AP*CP*GP*GP*CP*GP*CP*(DOC))-3')"
3 polymer "DNA (5'-D(P*(1WA)P*GP*GP*CP*GP*CP*CP*GP*TP*GP*GP*TP*C)-3')"
4 non-polymer (1R)-1-[6-amino-5-(dihydroxyamino)-2-hydroxypyridin-3-yl]-1,4-anhydro-2-deoxy-5-O-[(S)-hydroxy{[(S)-hydroxy(phosphonooxy)phosphoryl]oxy}phosphoryl]-D-erythro-pentitol
5 non-polymer 'MAGNESIUM ION'
6 water water
#
loop_
_entity_poly.entity_id
_entity_poly.type
_entity_poly.pdbx_seq_one_letter_code
_entity_poly.pdbx_strand_id
1 'polypeptide(L)'
;ALEEAPWPPPEGAFVGFVLSRKEPMWADLLALAAARGGRVHRAPEPYKALRDLKEARGLLAKDLSVLALREGLGLPPGDD
PMLLAYLLDPSNTTPEGVARRYGGEWTEEAGERAALSERLFANLWGRLEGEERLLWLYREVERPLSAVLAHVEATGVRLD
VAYLRALSLEVAEEIARLEAEVFRLAGHPFNLNSRDQLERVLFDELGLPAIGKTEKTGKRSTSAAVLEALREAHAIVEKI
LQYRELTKLKSTYIDPLPELIHPRTGRLHTRFNQTATATGRLSSSDPNLQNIPVRTPLGQRIRRAFIAEEGWLLVALDYS
QIELRVLAHLSGDENLIRVFQEGRDIHTETASWMFGVPREAVDPLMRRAAKTINFGVLYGMSAHRLSQELAIPYEEAQAF
IERYFQSFPKVRAWIEKTLEEGRRRGYVETLFGRRRYVPDLEARVKSVREAAERMAFNMPVQGTAADLMKLAMVKLFPRL
EEMGARMLLQVHDELVLEAPKERAEAVARLAKEVMEGVYPLAVPLEVEVGIGEDWLSAKV
;
A
2 'polydeoxyribonucleotide' (DG)(DA)(DC)(DC)(DA)(DC)(DG)(DG)(DC)(DG)(DC)(DOC) B
3 'polydeoxyribonucleotide' (1WA)(DG)(DG)(DC)(DG)(DC)(DC)(DG)(DT)(DG)(DG)(DT)(DC) C
#
# COMPACT_ATOMS: atom_id res chain seq x y z
N GLU A 4 -7.27 -33.40 -22.59
CA GLU A 4 -7.47 -32.23 -23.46
C GLU A 4 -8.83 -32.31 -24.14
N ALA A 5 -9.75 -31.44 -23.69
CA ALA A 5 -11.14 -31.49 -24.09
C ALA A 5 -11.55 -30.20 -24.80
N PRO A 6 -12.64 -30.24 -25.57
CA PRO A 6 -13.06 -29.04 -26.30
C PRO A 6 -13.64 -27.97 -25.38
N TRP A 7 -13.42 -26.71 -25.78
CA TRP A 7 -14.07 -25.59 -25.12
C TRP A 7 -15.58 -25.64 -25.39
N PRO A 8 -16.41 -25.22 -24.43
CA PRO A 8 -16.14 -24.65 -23.10
C PRO A 8 -15.95 -25.66 -21.98
N PRO A 9 -15.47 -25.19 -20.83
CA PRO A 9 -15.30 -26.08 -19.68
C PRO A 9 -16.59 -26.21 -18.90
N PRO A 10 -16.73 -27.26 -18.09
CA PRO A 10 -17.92 -27.36 -17.22
C PRO A 10 -17.87 -26.33 -16.11
N GLU A 11 -19.01 -26.17 -15.45
CA GLU A 11 -19.15 -25.17 -14.40
C GLU A 11 -18.21 -25.48 -13.25
N GLY A 12 -17.35 -24.53 -12.90
CA GLY A 12 -16.46 -24.65 -11.77
C GLY A 12 -15.02 -24.97 -12.09
N ALA A 13 -14.61 -24.88 -13.35
CA ALA A 13 -13.25 -25.21 -13.73
C ALA A 13 -12.28 -24.11 -13.33
N PHE A 14 -11.00 -24.47 -13.26
CA PHE A 14 -9.94 -23.52 -12.95
C PHE A 14 -9.41 -22.91 -14.23
N VAL A 15 -9.13 -21.61 -14.19
CA VAL A 15 -8.79 -20.85 -15.39
C VAL A 15 -7.30 -20.58 -15.43
N GLY A 16 -6.75 -20.58 -16.63
CA GLY A 16 -5.40 -20.09 -16.86
C GLY A 16 -5.41 -19.12 -18.04
N PHE A 17 -4.56 -18.10 -17.94
CA PHE A 17 -4.57 -17.04 -18.93
C PHE A 17 -3.18 -16.42 -19.04
N VAL A 18 -2.88 -15.91 -20.22
CA VAL A 18 -1.62 -15.24 -20.50
C VAL A 18 -1.92 -13.82 -20.98
N LEU A 19 -1.28 -12.84 -20.37
CA LEU A 19 -1.46 -11.45 -20.75
C LEU A 19 -0.26 -10.97 -21.58
N SER A 20 -0.49 -9.90 -22.34
CA SER A 20 0.60 -9.24 -23.04
C SER A 20 1.48 -8.46 -22.08
N ARG A 21 0.99 -8.17 -20.88
CA ARG A 21 1.69 -7.35 -19.90
C ARG A 21 0.99 -7.54 -18.56
N LYS A 22 1.67 -7.12 -17.50
CA LYS A 22 1.18 -7.40 -16.14
C LYS A 22 -0.10 -6.63 -15.82
N GLU A 23 -0.26 -5.41 -16.35
CA GLU A 23 -1.40 -4.58 -16.00
C GLU A 23 -2.67 -5.08 -16.68
N PRO A 24 -3.66 -5.59 -15.93
CA PRO A 24 -4.87 -6.11 -16.61
C PRO A 24 -5.62 -5.06 -17.41
N MET A 25 -5.59 -3.79 -16.98
CA MET A 25 -6.30 -2.76 -17.72
C MET A 25 -5.63 -2.41 -19.05
N TRP A 26 -4.35 -2.72 -19.20
CA TRP A 26 -3.63 -2.44 -20.43
C TRP A 26 -3.28 -3.71 -21.22
N ALA A 27 -3.62 -4.87 -20.69
CA ALA A 27 -3.15 -6.12 -21.27
C ALA A 27 -4.03 -6.58 -22.42
N ASP A 28 -3.41 -7.27 -23.37
CA ASP A 28 -4.10 -8.01 -24.40
C ASP A 28 -4.16 -9.48 -23.98
N LEU A 29 -5.36 -10.04 -23.96
CA LEU A 29 -5.54 -11.43 -23.54
C LEU A 29 -5.02 -12.34 -24.65
N LEU A 30 -3.79 -12.82 -24.47
CA LEU A 30 -3.15 -13.63 -25.52
C LEU A 30 -3.71 -15.05 -25.58
N ALA A 31 -4.09 -15.62 -24.45
CA ALA A 31 -4.59 -17.00 -24.44
C ALA A 31 -5.48 -17.19 -23.23
N LEU A 32 -6.36 -18.18 -23.33
CA LEU A 32 -7.30 -18.50 -22.25
C LEU A 32 -7.56 -20.00 -22.27
N ALA A 33 -7.52 -20.61 -21.10
CA ALA A 33 -7.74 -22.05 -20.98
C ALA A 33 -8.40 -22.34 -19.65
N ALA A 34 -8.79 -23.60 -19.48
CA ALA A 34 -9.44 -24.04 -18.25
C ALA A 34 -9.08 -25.50 -18.00
N ALA A 35 -9.32 -25.94 -16.76
CA ALA A 35 -8.99 -27.30 -16.36
C ALA A 35 -9.97 -27.76 -15.29
N ARG A 36 -10.38 -29.02 -15.40
CA ARG A 36 -11.26 -29.61 -14.39
C ARG A 36 -11.36 -31.13 -14.59
N GLY A 37 -10.67 -31.89 -13.75
CA GLY A 37 -10.80 -33.33 -13.74
C GLY A 37 -10.21 -34.03 -14.95
N GLY A 38 -8.89 -33.97 -15.11
CA GLY A 38 -8.19 -34.78 -16.08
C GLY A 38 -8.06 -34.18 -17.47
N ARG A 39 -8.69 -33.05 -17.75
CA ARG A 39 -8.68 -32.47 -19.08
C ARG A 39 -8.50 -30.97 -19.00
N VAL A 40 -7.93 -30.41 -20.07
CA VAL A 40 -7.68 -28.98 -20.20
C VAL A 40 -8.48 -28.47 -21.39
N HIS A 41 -9.23 -27.40 -21.19
CA HIS A 41 -10.01 -26.77 -22.24
C HIS A 41 -9.31 -25.50 -22.69
N ARG A 42 -8.69 -25.54 -23.87
CA ARG A 42 -8.10 -24.36 -24.47
C ARG A 42 -9.13 -23.67 -25.36
N ALA A 43 -9.11 -22.34 -25.34
CA ALA A 43 -10.15 -21.57 -26.02
C ALA A 43 -9.67 -21.18 -27.41
N PRO A 44 -10.50 -21.36 -28.46
CA PRO A 44 -10.07 -20.93 -29.79
C PRO A 44 -9.79 -19.43 -29.87
N GLU A 45 -10.70 -18.61 -29.37
CA GLU A 45 -10.51 -17.17 -29.33
C GLU A 45 -10.66 -16.69 -27.89
N PRO A 46 -9.60 -16.22 -27.23
CA PRO A 46 -9.71 -15.91 -25.80
C PRO A 46 -10.78 -14.89 -25.45
N TYR A 47 -10.89 -13.82 -26.23
CA TYR A 47 -11.83 -12.75 -25.86
C TYR A 47 -13.27 -13.27 -25.90
N LYS A 48 -13.66 -13.93 -26.98
CA LYS A 48 -15.03 -14.45 -27.08
C LYS A 48 -15.29 -15.52 -26.02
N ALA A 49 -14.26 -16.30 -25.68
CA ALA A 49 -14.43 -17.35 -24.70
C ALA A 49 -14.64 -16.82 -23.28
N LEU A 50 -14.34 -15.54 -23.04
CA LEU A 50 -14.60 -14.95 -21.73
C LEU A 50 -16.08 -14.97 -21.39
N ARG A 51 -16.95 -14.82 -22.40
CA ARG A 51 -18.38 -14.72 -22.14
C ARG A 51 -18.95 -15.99 -21.56
N ASP A 52 -18.25 -17.11 -21.68
CA ASP A 52 -18.76 -18.41 -21.25
C ASP A 52 -18.47 -18.72 -19.79
N LEU A 53 -17.44 -18.11 -19.21
CA LEU A 53 -17.10 -18.35 -17.82
C LEU A 53 -18.03 -17.59 -16.89
N LYS A 54 -18.46 -18.25 -15.82
CA LYS A 54 -19.27 -17.62 -14.79
C LYS A 54 -18.43 -16.99 -13.69
N GLU A 55 -17.13 -17.26 -13.66
CA GLU A 55 -16.30 -16.90 -12.54
C GLU A 55 -14.84 -17.11 -12.92
N ALA A 56 -13.97 -16.21 -12.46
CA ALA A 56 -12.52 -16.38 -12.63
C ALA A 56 -12.00 -17.13 -11.42
N ARG A 57 -11.70 -18.41 -11.61
CA ARG A 57 -11.26 -19.29 -10.52
C ARG A 57 -9.88 -19.82 -10.86
N GLY A 58 -8.86 -19.30 -10.19
CA GLY A 58 -7.50 -19.76 -10.42
C GLY A 58 -6.50 -18.70 -10.03
N LEU A 59 -5.23 -18.99 -10.35
CA LEU A 59 -4.14 -18.10 -10.01
C LEU A 59 -4.35 -16.72 -10.62
N LEU A 60 -4.11 -15.69 -9.82
CA LEU A 60 -4.28 -14.29 -10.25
C LEU A 60 -5.69 -14.05 -10.77
N ALA A 61 -6.68 -14.59 -10.06
CA ALA A 61 -8.07 -14.47 -10.51
C ALA A 61 -8.48 -13.02 -10.72
N LYS A 62 -8.11 -12.13 -9.80
CA LYS A 62 -8.54 -10.74 -9.89
C LYS A 62 -8.09 -10.10 -11.20
N ASP A 63 -6.88 -10.41 -11.66
CA ASP A 63 -6.36 -9.78 -12.87
C ASP A 63 -7.26 -10.07 -14.06
N LEU A 64 -7.67 -11.33 -14.24
CA LEU A 64 -8.55 -11.67 -15.35
C LEU A 64 -9.92 -11.02 -15.18
N SER A 65 -10.40 -10.91 -13.93
CA SER A 65 -11.69 -10.27 -13.69
CA SER A 65 -11.69 -10.27 -13.70
C SER A 65 -11.64 -8.79 -14.06
N VAL A 66 -10.53 -8.12 -13.72
CA VAL A 66 -10.38 -6.71 -14.07
C VAL A 66 -10.42 -6.54 -15.58
N LEU A 67 -9.73 -7.41 -16.32
CA LEU A 67 -9.76 -7.35 -17.78
C LEU A 67 -11.15 -7.62 -18.32
N ALA A 68 -11.94 -8.44 -17.62
CA ALA A 68 -13.30 -8.72 -18.06
C ALA A 68 -14.21 -7.52 -17.81
N LEU A 69 -14.02 -6.84 -16.68
CA LEU A 69 -14.76 -5.60 -16.44
C LEU A 69 -14.41 -4.53 -17.44
N ARG A 70 -13.15 -4.50 -17.89
CA ARG A 70 -12.76 -3.56 -18.94
C ARG A 70 -13.56 -3.78 -20.22
N GLU A 71 -14.01 -5.02 -20.45
CA GLU A 71 -14.77 -5.37 -21.64
C GLU A 71 -16.27 -5.39 -21.39
N GLY A 72 -16.71 -4.88 -20.25
CA GLY A 72 -18.14 -4.86 -19.93
C GLY A 72 -18.70 -6.23 -19.58
N LEU A 73 -17.93 -7.04 -18.87
CA LEU A 73 -18.33 -8.40 -18.52
C LEU A 73 -18.26 -8.58 -17.02
N GLY A 74 -19.39 -8.93 -16.41
CA GLY A 74 -19.43 -9.22 -14.99
C GLY A 74 -18.91 -10.62 -14.70
N LEU A 75 -17.59 -10.73 -14.53
CA LEU A 75 -16.93 -12.01 -14.27
C LEU A 75 -16.22 -11.87 -12.93
N PRO A 76 -16.85 -12.30 -11.82
CA PRO A 76 -16.23 -12.08 -10.52
C PRO A 76 -15.08 -13.05 -10.28
N PRO A 77 -14.05 -12.63 -9.54
CA PRO A 77 -13.00 -13.58 -9.17
C PRO A 77 -13.45 -14.49 -8.04
N GLY A 78 -13.07 -15.76 -8.14
CA GLY A 78 -13.41 -16.73 -7.13
C GLY A 78 -12.19 -17.24 -6.39
N ASP A 79 -12.06 -18.56 -6.27
CA ASP A 79 -10.91 -19.13 -5.59
C ASP A 79 -9.63 -18.77 -6.32
N ASP A 80 -8.59 -18.46 -5.55
CA ASP A 80 -7.28 -18.16 -6.10
C ASP A 80 -6.22 -18.79 -5.20
N PRO A 81 -5.48 -19.80 -5.68
CA PRO A 81 -4.47 -20.43 -4.82
C PRO A 81 -3.47 -19.45 -4.24
N MET A 82 -3.21 -18.33 -4.93
CA MET A 82 -2.33 -17.31 -4.38
C MET A 82 -2.82 -16.82 -3.03
N LEU A 83 -4.13 -16.63 -2.89
CA LEU A 83 -4.68 -16.16 -1.62
C LEU A 83 -4.55 -17.22 -0.53
N LEU A 84 -4.71 -18.50 -0.90
CA LEU A 84 -4.49 -19.57 0.06
C LEU A 84 -3.05 -19.56 0.57
N ALA A 85 -2.08 -19.54 -0.35
CA ALA A 85 -0.68 -19.58 0.05
C ALA A 85 -0.30 -18.34 0.84
N TYR A 86 -0.86 -17.18 0.48
CA TYR A 86 -0.52 -15.94 1.16
C TYR A 86 -0.95 -15.98 2.63
N LEU A 87 -2.09 -16.61 2.91
CA LEU A 87 -2.54 -16.74 4.30
C LEU A 87 -1.75 -17.81 5.05
N LEU A 88 -1.29 -18.86 4.36
CA LEU A 88 -0.41 -19.84 5.00
C LEU A 88 0.91 -19.20 5.39
N ASP A 89 1.45 -18.35 4.53
CA ASP A 89 2.75 -17.73 4.75
C ASP A 89 2.83 -16.47 3.89
N PRO A 90 2.82 -15.26 4.49
CA PRO A 90 2.75 -14.04 3.68
C PRO A 90 3.96 -13.81 2.78
N SER A 91 4.99 -14.64 2.88
CA SER A 91 6.10 -14.57 1.94
C SER A 91 5.79 -15.28 0.62
N ASN A 92 4.66 -15.97 0.53
CA ASN A 92 4.16 -16.52 -0.73
C ASN A 92 3.51 -15.38 -1.51
N THR A 93 4.32 -14.68 -2.31
CA THR A 93 3.87 -13.45 -2.96
C THR A 93 3.69 -13.56 -4.46
N THR A 94 4.35 -14.51 -5.12
CA THR A 94 4.26 -14.63 -6.57
C THR A 94 3.87 -16.04 -6.97
N PRO A 95 3.22 -16.19 -8.13
CA PRO A 95 2.93 -17.55 -8.62
C PRO A 95 4.18 -18.35 -8.92
N GLU A 96 5.29 -17.68 -9.27
CA GLU A 96 6.56 -18.39 -9.44
C GLU A 96 6.94 -19.13 -8.16
N GLY A 97 6.93 -18.43 -7.03
CA GLY A 97 7.33 -19.05 -5.78
C GLY A 97 6.34 -20.07 -5.28
N VAL A 98 5.04 -19.78 -5.38
CA VAL A 98 4.03 -20.69 -4.88
C VAL A 98 4.12 -22.03 -5.59
N ALA A 99 4.16 -22.01 -6.93
CA ALA A 99 4.35 -23.23 -7.68
C ALA A 99 5.69 -23.89 -7.34
N ARG A 100 6.73 -23.07 -7.20
CA ARG A 100 8.05 -23.55 -6.83
C ARG A 100 8.08 -24.21 -5.44
N ARG A 101 7.03 -24.01 -4.63
CA ARG A 101 7.03 -24.47 -3.25
C ARG A 101 5.95 -25.50 -2.93
N TYR A 102 4.86 -25.55 -3.69
CA TYR A 102 3.74 -26.43 -3.39
C TYR A 102 3.39 -27.37 -4.54
N GLY A 103 4.33 -27.62 -5.45
CA GLY A 103 4.18 -28.66 -6.44
C GLY A 103 3.68 -28.19 -7.80
N GLY A 104 4.52 -27.48 -8.54
CA GLY A 104 4.15 -27.10 -9.89
C GLY A 104 5.23 -26.24 -10.51
N GLU A 105 4.94 -25.76 -11.72
CA GLU A 105 5.81 -24.85 -12.45
C GLU A 105 4.96 -23.79 -13.13
N TRP A 106 5.29 -22.52 -12.90
CA TRP A 106 4.55 -21.41 -13.49
C TRP A 106 5.12 -21.13 -14.88
N THR A 107 4.47 -21.67 -15.91
CA THR A 107 4.91 -21.50 -17.28
C THR A 107 4.22 -20.27 -17.87
N GLU A 108 4.18 -20.16 -19.19
CA GLU A 108 3.52 -19.05 -19.87
C GLU A 108 2.51 -19.56 -20.89
N GLU A 109 1.95 -20.73 -20.65
CA GLU A 109 0.91 -21.31 -21.50
C GLU A 109 -0.38 -21.42 -20.69
N ALA A 110 -1.48 -20.93 -21.27
CA ALA A 110 -2.73 -20.84 -20.54
C ALA A 110 -3.17 -22.21 -20.03
N GLY A 111 -3.10 -23.23 -20.89
CA GLY A 111 -3.50 -24.56 -20.48
C GLY A 111 -2.76 -25.04 -19.26
N GLU A 112 -1.43 -24.92 -19.28
CA GLU A 112 -0.63 -25.36 -18.14
C GLU A 112 -0.94 -24.54 -16.90
N ARG A 113 -1.25 -23.25 -17.07
CA ARG A 113 -1.59 -22.41 -15.92
C ARG A 113 -2.93 -22.82 -15.31
N ALA A 114 -3.88 -23.26 -16.14
CA ALA A 114 -5.15 -23.75 -15.61
C ALA A 114 -4.96 -25.04 -14.82
N ALA A 115 -4.20 -25.98 -15.37
CA ALA A 115 -3.92 -27.22 -14.66
C ALA A 115 -3.11 -26.95 -13.41
N LEU A 116 -2.17 -25.99 -13.47
CA LEU A 116 -1.41 -25.61 -12.29
C LEU A 116 -2.32 -25.03 -11.22
N SER A 117 -3.28 -24.18 -11.62
CA SER A 117 -4.21 -23.62 -10.66
C SER A 117 -5.07 -24.70 -10.01
N GLU A 118 -5.41 -25.74 -10.77
CA GLU A 118 -6.20 -26.84 -10.21
C GLU A 118 -5.36 -27.63 -9.20
N ARG A 119 -4.13 -27.97 -9.57
CA ARG A 119 -3.27 -28.74 -8.67
C ARG A 119 -2.92 -27.93 -7.42
N LEU A 120 -2.62 -26.65 -7.57
CA LEU A 120 -2.21 -25.84 -6.43
C LEU A 120 -3.37 -25.59 -5.47
N PHE A 121 -4.59 -25.46 -5.98
CA PHE A 121 -5.73 -25.26 -5.10
C PHE A 121 -5.98 -26.49 -4.25
N ALA A 122 -6.02 -27.68 -4.89
CA ALA A 122 -6.23 -28.91 -4.15
C ALA A 122 -5.16 -29.09 -3.08
N ASN A 123 -3.91 -28.77 -3.40
CA ASN A 123 -2.83 -28.93 -2.43
C ASN A 123 -2.96 -27.94 -1.29
N LEU A 124 -3.01 -26.64 -1.61
CA LEU A 124 -3.08 -25.62 -0.56
C LEU A 124 -4.34 -25.76 0.27
N TRP A 125 -5.49 -25.95 -0.38
CA TRP A 125 -6.72 -26.18 0.36
C TRP A 125 -6.58 -27.36 1.31
N GLY A 126 -5.76 -28.35 0.94
CA GLY A 126 -5.47 -29.44 1.86
C GLY A 126 -4.66 -28.99 3.05
N ARG A 127 -3.65 -28.14 2.82
CA ARG A 127 -2.85 -27.62 3.91
C ARG A 127 -3.69 -26.81 4.88
N LEU A 128 -4.83 -26.29 4.45
CA LEU A 128 -5.63 -25.38 5.25
C LEU A 128 -6.74 -26.06 6.03
N GLU A 129 -6.87 -27.38 5.92
CA GLU A 129 -7.85 -28.09 6.72
C GLU A 129 -7.44 -28.06 8.18
N GLY A 130 -8.37 -27.72 9.06
CA GLY A 130 -8.08 -27.54 10.46
C GLY A 130 -7.63 -26.14 10.84
N GLU A 131 -7.25 -25.31 9.88
CA GLU A 131 -6.87 -23.93 10.14
C GLU A 131 -8.11 -23.04 10.09
N GLU A 132 -8.93 -23.17 11.14
CA GLU A 132 -10.23 -22.52 11.17
C GLU A 132 -10.09 -21.01 10.95
N ARG A 133 -9.19 -20.37 11.68
CA ARG A 133 -9.08 -18.91 11.63
C ARG A 133 -8.56 -18.42 10.29
N LEU A 134 -7.70 -19.20 9.64
CA LEU A 134 -7.21 -18.85 8.31
C LEU A 134 -8.28 -19.09 7.24
N LEU A 135 -9.08 -20.15 7.40
CA LEU A 135 -10.21 -20.34 6.49
C LEU A 135 -11.21 -19.20 6.62
N TRP A 136 -11.41 -18.71 7.84
CA TRP A 136 -12.30 -17.56 8.03
C TRP A 136 -11.74 -16.33 7.34
N LEU A 137 -10.43 -16.10 7.46
CA LEU A 137 -9.81 -14.98 6.77
C LEU A 137 -9.92 -15.11 5.26
N TYR A 138 -9.95 -16.35 4.75
CA TYR A 138 -10.02 -16.54 3.31
C TYR A 138 -11.44 -16.34 2.79
N ARG A 139 -12.43 -16.93 3.48
CA ARG A 139 -13.81 -16.85 3.01
C ARG A 139 -14.43 -15.49 3.27
N GLU A 140 -14.11 -14.87 4.40
CA GLU A 140 -14.78 -13.65 4.85
C GLU A 140 -14.02 -12.38 4.52
N VAL A 141 -12.74 -12.48 4.17
CA VAL A 141 -11.94 -11.29 3.91
C VAL A 141 -11.33 -11.35 2.51
N GLU A 142 -10.35 -12.23 2.31
CA GLU A 142 -9.49 -12.14 1.14
C GLU A 142 -10.27 -12.46 -0.14
N ARG A 143 -11.01 -13.57 -0.17
CA ARG A 143 -11.73 -13.91 -1.39
C ARG A 143 -12.79 -12.87 -1.72
N PRO A 144 -13.68 -12.45 -0.81
CA PRO A 144 -14.57 -11.33 -1.15
C PRO A 144 -13.82 -10.07 -1.53
N LEU A 145 -12.70 -9.79 -0.86
CA LEU A 145 -11.94 -8.57 -1.15
C LEU A 145 -11.46 -8.56 -2.59
N SER A 146 -10.99 -9.71 -3.09
CA SER A 146 -10.53 -9.79 -4.47
C SER A 146 -11.62 -9.34 -5.44
N ALA A 147 -12.88 -9.62 -5.12
CA ALA A 147 -13.98 -9.13 -5.94
C ALA A 147 -14.13 -7.63 -5.83
N VAL A 148 -14.05 -7.09 -4.61
CA VAL A 148 -14.10 -5.64 -4.43
C VAL A 148 -12.99 -4.96 -5.21
N LEU A 149 -11.75 -5.41 -5.00
CA LEU A 149 -10.61 -4.80 -5.68
C LEU A 149 -10.74 -4.91 -7.19
N ALA A 150 -11.45 -5.93 -7.69
CA ALA A 150 -11.65 -6.07 -9.13
C ALA A 150 -12.38 -4.85 -9.69
N HIS A 151 -13.50 -4.48 -9.08
CA HIS A 151 -14.24 -3.31 -9.53
C HIS A 151 -13.45 -2.03 -9.29
N VAL A 152 -12.74 -1.95 -8.16
CA VAL A 152 -11.96 -0.76 -7.84
C VAL A 152 -10.92 -0.50 -8.93
N GLU A 153 -10.12 -1.51 -9.26
CA GLU A 153 -9.09 -1.33 -10.28
C GLU A 153 -9.69 -0.94 -11.62
N ALA A 154 -10.85 -1.54 -11.97
CA ALA A 154 -11.49 -1.24 -13.25
C ALA A 154 -12.16 0.13 -13.25
N THR A 155 -12.41 0.71 -12.07
CA THR A 155 -13.07 2.02 -12.01
C THR A 155 -12.10 3.14 -12.37
N GLY A 156 -10.97 3.21 -11.65
CA GLY A 156 -10.00 4.27 -11.88
C GLY A 156 -10.41 5.58 -11.23
N VAL A 157 -9.51 6.55 -11.34
CA VAL A 157 -9.71 7.87 -10.75
C VAL A 157 -9.49 8.93 -11.83
N ARG A 158 -10.26 10.01 -11.73
CA ARG A 158 -10.12 11.13 -12.67
C ARG A 158 -8.91 11.96 -12.28
N LEU A 159 -8.13 12.35 -13.29
CA LEU A 159 -6.89 13.10 -13.10
C LEU A 159 -6.91 14.35 -13.96
N ASP A 160 -6.53 15.48 -13.38
CA ASP A 160 -6.48 16.75 -14.11
C ASP A 160 -5.19 16.77 -14.92
N VAL A 161 -5.28 16.31 -16.16
CA VAL A 161 -4.09 16.12 -16.99
C VAL A 161 -3.48 17.46 -17.39
N ALA A 162 -4.25 18.29 -18.08
CA ALA A 162 -3.76 19.60 -18.51
C ALA A 162 -3.14 20.38 -17.36
N TYR A 163 -3.71 20.22 -16.16
CA TYR A 163 -3.16 20.89 -14.98
C TYR A 163 -1.74 20.44 -14.70
N LEU A 164 -1.50 19.12 -14.66
CA LEU A 164 -0.17 18.61 -14.38
C LEU A 164 0.81 18.92 -15.50
N ARG A 165 0.34 18.93 -16.75
CA ARG A 165 1.21 19.35 -17.86
C ARG A 165 1.68 20.78 -17.66
N ALA A 166 0.76 21.68 -17.28
CA ALA A 166 1.16 23.06 -17.00
C ALA A 166 2.08 23.12 -15.79
N LEU A 167 1.77 22.35 -14.74
CA LEU A 167 2.62 22.32 -13.57
C LEU A 167 4.02 21.80 -13.91
N SER A 168 4.13 20.94 -14.93
CA SER A 168 5.43 20.41 -15.29
C SER A 168 6.36 21.50 -15.81
N LEU A 169 5.83 22.40 -16.63
CA LEU A 169 6.67 23.49 -17.16
C LEU A 169 7.11 24.43 -16.05
N GLU A 170 6.21 24.73 -15.10
CA GLU A 170 6.58 25.60 -13.99
C GLU A 170 7.63 24.94 -13.09
N VAL A 171 7.47 23.65 -12.80
CA VAL A 171 8.46 22.95 -11.99
C VAL A 171 9.77 22.80 -12.75
N ALA A 172 9.70 22.66 -14.08
CA ALA A 172 10.92 22.48 -14.87
C ALA A 172 11.83 23.70 -14.76
N GLU A 173 11.27 24.89 -14.95
CA GLU A 173 12.10 26.10 -14.93
C GLU A 173 12.64 26.39 -13.54
N GLU A 174 11.87 26.09 -12.48
CA GLU A 174 12.41 26.21 -11.13
C GLU A 174 13.51 25.19 -10.87
N ILE A 175 13.49 24.06 -11.60
CA ILE A 175 14.60 23.11 -11.50
C ILE A 175 15.85 23.67 -12.16
N ALA A 176 15.69 24.24 -13.36
CA ALA A 176 16.83 24.80 -14.08
C ALA A 176 17.51 25.89 -13.27
N ARG A 177 16.73 26.68 -12.54
CA ARG A 177 17.30 27.72 -11.68
C ARG A 177 18.15 27.10 -10.58
N LEU A 178 17.60 26.11 -9.86
CA LEU A 178 18.35 25.45 -8.81
C LEU A 178 19.57 24.72 -9.37
N GLU A 179 19.45 24.15 -10.57
CA GLU A 179 20.58 23.46 -11.18
C GLU A 179 21.70 24.43 -11.52
N ALA A 180 21.43 25.37 -12.44
CA ALA A 180 22.44 26.34 -12.82
C ALA A 180 23.09 26.99 -11.61
N GLU A 181 22.33 27.14 -10.52
CA GLU A 181 22.91 27.62 -9.28
C GLU A 181 23.90 26.60 -8.71
N VAL A 182 23.45 25.37 -8.48
CA VAL A 182 24.32 24.32 -7.95
C VAL A 182 25.60 24.25 -8.76
N PHE A 183 25.50 24.41 -10.09
CA PHE A 183 26.69 24.41 -10.92
C PHE A 183 27.59 25.60 -10.62
N ARG A 184 27.01 26.72 -10.18
CA ARG A 184 27.84 27.88 -9.84
C ARG A 184 28.71 27.59 -8.63
N LEU A 185 28.10 27.21 -7.50
CA LEU A 185 28.86 26.90 -6.30
C LEU A 185 29.79 25.71 -6.50
N ALA A 186 29.48 24.83 -7.44
CA ALA A 186 30.38 23.72 -7.76
C ALA A 186 31.56 24.14 -8.62
N GLY A 187 31.45 25.29 -9.30
CA GLY A 187 32.49 25.74 -10.20
C GLY A 187 32.48 25.11 -11.57
N HIS A 188 31.57 24.16 -11.83
CA HIS A 188 31.51 23.50 -13.12
C HIS A 188 30.20 22.70 -13.22
N PRO A 189 29.84 22.23 -14.40
CA PRO A 189 28.64 21.39 -14.54
C PRO A 189 28.95 19.90 -14.37
N PHE A 190 27.90 19.17 -14.01
CA PHE A 190 27.96 17.72 -13.86
C PHE A 190 26.54 17.21 -13.75
N ASN A 191 26.38 15.90 -13.81
CA ASN A 191 25.06 15.28 -13.71
C ASN A 191 24.62 15.34 -12.25
N LEU A 192 23.78 16.32 -11.92
CA LEU A 192 23.29 16.45 -10.55
C LEU A 192 22.42 15.27 -10.14
N ASN A 193 21.81 14.58 -11.10
CA ASN A 193 21.07 13.35 -10.80
C ASN A 193 22.00 12.18 -10.49
N SER A 194 23.28 12.28 -10.80
CA SER A 194 24.22 11.19 -10.58
C SER A 194 24.63 11.17 -9.12
N ARG A 195 24.11 10.18 -8.38
CA ARG A 195 24.45 10.02 -6.98
C ARG A 195 25.96 10.01 -6.77
N ASP A 196 26.70 9.37 -7.67
CA ASP A 196 28.14 9.23 -7.49
C ASP A 196 28.88 10.53 -7.78
N GLN A 197 28.52 11.23 -8.86
CA GLN A 197 29.19 12.47 -9.19
C GLN A 197 29.01 13.50 -8.08
N LEU A 198 27.85 13.51 -7.43
CA LEU A 198 27.61 14.45 -6.34
C LEU A 198 28.55 14.17 -5.18
N GLU A 199 28.76 12.90 -4.85
CA GLU A 199 29.64 12.54 -3.74
C GLU A 199 31.01 13.17 -3.91
N ARG A 200 31.59 13.05 -5.12
CA ARG A 200 32.90 13.63 -5.37
C ARG A 200 32.87 15.14 -5.18
N VAL A 201 31.90 15.82 -5.80
CA VAL A 201 31.79 17.26 -5.70
C VAL A 201 31.72 17.70 -4.24
N LEU A 202 30.96 16.97 -3.43
CA LEU A 202 30.72 17.40 -2.06
C LEU A 202 31.92 17.10 -1.16
N PHE A 203 32.44 15.87 -1.19
CA PHE A 203 33.40 15.42 -0.21
C PHE A 203 34.84 15.43 -0.70
N ASP A 204 35.06 15.43 -2.01
CA ASP A 204 36.41 15.47 -2.57
C ASP A 204 36.80 16.86 -3.05
N GLU A 205 35.94 17.50 -3.86
CA GLU A 205 36.26 18.83 -4.39
C GLU A 205 36.01 19.91 -3.36
N LEU A 206 34.83 19.92 -2.74
CA LEU A 206 34.51 20.91 -1.71
C LEU A 206 34.99 20.50 -0.33
N GLY A 207 35.53 19.29 -0.18
CA GLY A 207 36.09 18.87 1.09
C GLY A 207 35.11 18.89 2.23
N LEU A 208 33.82 18.64 1.95
CA LEU A 208 32.84 18.57 3.03
C LEU A 208 33.02 17.28 3.81
N PRO A 209 32.63 17.26 5.08
CA PRO A 209 32.79 16.05 5.89
C PRO A 209 31.75 15.00 5.52
N ALA A 210 32.21 13.78 5.28
CA ALA A 210 31.33 12.65 5.02
C ALA A 210 30.77 12.13 6.33
N ILE A 211 29.46 12.25 6.51
CA ILE A 211 28.84 11.90 7.79
C ILE A 211 28.31 10.47 7.82
N GLY A 212 28.06 9.86 6.66
CA GLY A 212 27.47 8.54 6.62
C GLY A 212 27.95 7.74 5.43
N LYS A 213 27.79 6.43 5.55
CA LYS A 213 28.16 5.49 4.50
C LYS A 213 26.94 4.73 4.02
N THR A 214 26.95 4.35 2.75
CA THR A 214 25.86 3.58 2.18
C THR A 214 25.98 2.11 2.58
N GLU A 215 24.87 1.39 2.47
CA GLU A 215 24.78 0.05 3.05
C GLU A 215 25.62 -0.96 2.28
N LYS A 216 25.35 -1.10 0.98
CA LYS A 216 25.88 -2.23 0.22
C LYS A 216 27.28 -1.98 -0.34
N THR A 217 27.61 -0.75 -0.72
CA THR A 217 28.88 -0.44 -1.36
C THR A 217 29.78 0.44 -0.53
N GLY A 218 29.37 0.82 0.68
CA GLY A 218 30.22 1.60 1.56
C GLY A 218 30.63 2.95 1.00
N LYS A 219 29.80 3.55 0.15
CA LYS A 219 30.08 4.87 -0.36
C LYS A 219 29.60 5.94 0.62
N ARG A 220 30.19 7.13 0.50
CA ARG A 220 29.78 8.26 1.32
C ARG A 220 28.38 8.69 0.91
N SER A 221 27.43 8.61 1.85
CA SER A 221 26.04 8.86 1.54
C SER A 221 25.79 10.34 1.25
N THR A 222 24.77 10.59 0.42
CA THR A 222 24.29 11.94 0.14
C THR A 222 22.80 12.07 0.45
N SER A 223 22.30 11.23 1.35
CA SER A 223 20.88 11.24 1.69
C SER A 223 20.48 12.58 2.31
N ALA A 224 19.18 12.84 2.33
CA ALA A 224 18.68 14.07 2.93
C ALA A 224 19.08 14.15 4.39
N ALA A 225 19.05 13.02 5.10
CA ALA A 225 19.42 13.02 6.52
C ALA A 225 20.87 13.46 6.71
N VAL A 226 21.77 13.00 5.84
CA VAL A 226 23.17 13.43 5.90
C VAL A 226 23.27 14.91 5.53
N LEU A 227 22.76 15.27 4.36
CA LEU A 227 22.83 16.66 3.92
C LEU A 227 22.11 17.59 4.90
N GLU A 228 21.15 17.07 5.66
CA GLU A 228 20.50 17.88 6.68
C GLU A 228 21.51 18.47 7.64
N ALA A 229 22.53 17.69 7.99
CA ALA A 229 23.59 18.16 8.89
C ALA A 229 24.62 19.02 8.19
N LEU A 230 24.53 19.19 6.88
CA LEU A 230 25.45 20.04 6.12
C LEU A 230 24.75 21.24 5.50
N ARG A 231 23.49 21.48 5.83
CA ARG A 231 22.69 22.44 5.08
C ARG A 231 23.06 23.89 5.37
N GLU A 232 24.01 24.14 6.29
CA GLU A 232 24.64 25.46 6.36
C GLU A 232 26.13 25.35 6.70
N ALA A 233 26.70 24.14 6.74
CA ALA A 233 28.14 24.01 6.61
C ALA A 233 28.60 24.41 5.21
N HIS A 234 27.69 24.40 4.25
CA HIS A 234 27.92 24.96 2.92
C HIS A 234 26.57 25.25 2.30
N ALA A 235 26.54 26.22 1.39
CA ALA A 235 25.27 26.68 0.82
C ALA A 235 24.78 25.82 -0.33
N ILE A 236 25.68 25.12 -1.04
CA ILE A 236 25.25 24.28 -2.14
C ILE A 236 24.33 23.16 -1.66
N VAL A 237 24.45 22.79 -0.38
CA VAL A 237 23.65 21.69 0.15
C VAL A 237 22.17 22.04 0.11
N GLU A 238 21.82 23.24 0.62
CA GLU A 238 20.43 23.63 0.68
C GLU A 238 19.79 23.63 -0.70
N LYS A 239 20.54 24.04 -1.72
CA LYS A 239 20.01 24.04 -3.08
C LYS A 239 19.80 22.62 -3.58
N ILE A 240 20.70 21.70 -3.22
CA ILE A 240 20.57 20.32 -3.65
C ILE A 240 19.31 19.70 -3.09
N LEU A 241 19.02 19.94 -1.81
CA LEU A 241 17.81 19.39 -1.19
C LEU A 241 16.56 19.87 -1.93
N GLN A 242 16.49 21.17 -2.23
CA GLN A 242 15.37 21.70 -2.99
C GLN A 242 15.36 21.15 -4.41
N TYR A 243 16.54 20.85 -4.97
CA TYR A 243 16.61 20.22 -6.28
C TYR A 243 16.13 18.77 -6.22
N ARG A 244 16.54 18.04 -5.18
CA ARG A 244 16.09 16.67 -5.01
C ARG A 244 14.56 16.60 -4.91
N GLU A 245 13.98 17.44 -4.07
CA GLU A 245 12.53 17.41 -3.87
C GLU A 245 11.78 17.62 -5.19
N LEU A 246 12.29 18.51 -6.04
CA LEU A 246 11.58 18.86 -7.27
C LEU A 246 11.70 17.76 -8.32
N THR A 247 12.91 17.27 -8.57
CA THR A 247 13.10 16.22 -9.56
C THR A 247 12.38 14.95 -9.14
N LYS A 248 12.35 14.66 -7.84
CA LYS A 248 11.62 13.50 -7.34
C LYS A 248 10.16 13.57 -7.73
N LEU A 249 9.50 14.70 -7.42
CA LEU A 249 8.07 14.81 -7.69
C LEU A 249 7.80 14.91 -9.20
N LYS A 250 8.69 15.54 -9.95
CA LYS A 250 8.45 15.69 -11.38
C LYS A 250 8.63 14.37 -12.13
N SER A 251 9.72 13.65 -11.83
CA SER A 251 10.01 12.41 -12.55
C SER A 251 9.13 11.26 -12.12
N THR A 252 8.53 11.32 -10.93
CA THR A 252 7.71 10.23 -10.41
C THR A 252 6.22 10.44 -10.62
N TYR A 253 5.73 11.68 -10.51
CA TYR A 253 4.30 11.94 -10.54
C TYR A 253 3.90 12.89 -11.67
N ILE A 254 4.46 14.10 -11.70
CA ILE A 254 3.95 15.13 -12.60
C ILE A 254 3.98 14.65 -14.05
N ASP A 255 5.08 14.03 -14.46
CA ASP A 255 5.26 13.68 -15.87
C ASP A 255 4.69 12.30 -16.20
N PRO A 256 4.94 11.27 -15.38
CA PRO A 256 4.46 9.94 -15.79
C PRO A 256 2.95 9.79 -15.73
N LEU A 257 2.29 10.35 -14.72
CA LEU A 257 0.87 10.10 -14.53
C LEU A 257 0.02 10.55 -15.70
N PRO A 258 0.18 11.77 -16.22
CA PRO A 258 -0.64 12.18 -17.38
C PRO A 258 -0.58 11.20 -18.55
N GLU A 259 0.49 10.43 -18.68
CA GLU A 259 0.65 9.50 -19.79
C GLU A 259 -0.04 8.17 -19.55
N LEU A 260 -0.75 8.00 -18.43
CA LEU A 260 -1.36 6.74 -18.06
C LEU A 260 -2.88 6.79 -18.09
N ILE A 261 -3.46 7.81 -18.71
CA ILE A 261 -4.91 7.85 -18.86
C ILE A 261 -5.32 6.77 -19.86
N HIS A 262 -6.33 6.00 -19.49
CA HIS A 262 -6.71 4.88 -20.33
C HIS A 262 -7.64 5.34 -21.45
N PRO A 263 -7.46 4.84 -22.68
CA PRO A 263 -8.29 5.35 -23.79
C PRO A 263 -9.78 5.24 -23.55
N ARG A 264 -10.28 4.05 -23.20
CA ARG A 264 -11.72 3.84 -23.14
C ARG A 264 -12.34 4.48 -21.90
N THR A 265 -11.72 4.33 -20.73
CA THR A 265 -12.31 4.86 -19.50
C THR A 265 -12.01 6.34 -19.33
N GLY A 266 -10.91 6.84 -19.89
CA GLY A 266 -10.52 8.22 -19.68
C GLY A 266 -10.12 8.53 -18.27
N ARG A 267 -9.65 7.53 -17.52
CA ARG A 267 -9.27 7.70 -16.13
C ARG A 267 -7.96 6.98 -15.88
N LEU A 268 -7.39 7.21 -14.70
CA LEU A 268 -6.13 6.61 -14.29
C LEU A 268 -6.41 5.38 -13.44
N HIS A 269 -5.74 4.27 -13.76
CA HIS A 269 -6.01 2.99 -13.13
C HIS A 269 -4.76 2.47 -12.45
N THR A 270 -4.92 1.98 -11.23
CA THR A 270 -3.85 1.34 -10.46
C THR A 270 -4.17 -0.14 -10.30
N ARG A 271 -3.29 -0.83 -9.59
CA ARG A 271 -3.49 -2.23 -9.23
C ARG A 271 -3.32 -2.37 -7.72
N PHE A 272 -4.22 -3.10 -7.08
CA PHE A 272 -4.16 -3.31 -5.64
C PHE A 272 -3.74 -4.76 -5.40
N ASN A 273 -2.44 -4.94 -5.13
CA ASN A 273 -1.85 -6.25 -4.96
C ASN A 273 -2.25 -6.82 -3.61
N GLN A 274 -2.85 -8.00 -3.61
CA GLN A 274 -3.40 -8.60 -2.41
C GLN A 274 -2.44 -9.53 -1.69
N THR A 275 -1.34 -9.93 -2.33
CA THR A 275 -0.39 -10.87 -1.75
C THR A 275 1.04 -10.36 -1.94
N ALA A 276 1.30 -9.14 -1.43
CA ALA A 276 2.56 -8.47 -1.69
C ALA A 276 3.29 -8.00 -0.43
N THR A 277 2.67 -8.05 0.75
CA THR A 277 3.29 -7.55 1.96
C THR A 277 3.36 -8.64 3.02
N ALA A 278 4.28 -8.46 3.96
CA ALA A 278 4.49 -9.45 5.02
C ALA A 278 3.53 -9.27 6.19
N THR A 279 2.84 -8.12 6.28
CA THR A 279 1.94 -7.84 7.39
C THR A 279 0.47 -8.02 7.03
N GLY A 280 0.13 -8.23 5.75
CA GLY A 280 -1.24 -8.29 5.33
C GLY A 280 -1.77 -7.00 4.76
N ARG A 281 -0.97 -5.95 4.71
CA ARG A 281 -1.36 -4.74 4.01
C ARG A 281 -1.55 -5.02 2.52
N LEU A 282 -2.31 -4.16 1.88
CA LEU A 282 -2.33 -4.13 0.43
C LEU A 282 -1.13 -3.34 -0.08
N SER A 283 -0.90 -3.41 -1.39
CA SER A 283 0.05 -2.53 -2.05
C SER A 283 -0.58 -2.04 -3.34
N SER A 284 -0.07 -0.93 -3.84
CA SER A 284 -0.54 -0.33 -5.07
C SER A 284 0.62 -0.18 -6.03
N SER A 285 0.40 -0.51 -7.30
CA SER A 285 1.48 -0.46 -8.28
C SER A 285 0.91 -0.17 -9.66
N ASP A 286 1.79 0.31 -10.55
CA ASP A 286 1.52 0.48 -11.97
C ASP A 286 0.31 1.37 -12.23
N PRO A 287 0.27 2.60 -11.71
CA PRO A 287 1.24 3.20 -10.79
C PRO A 287 0.82 3.03 -9.33
N ASN A 288 1.77 3.22 -8.42
CA ASN A 288 1.45 3.26 -6.99
C ASN A 288 0.68 4.54 -6.70
N LEU A 289 -0.58 4.42 -6.31
CA LEU A 289 -1.39 5.57 -5.92
C LEU A 289 -1.53 5.69 -4.41
N GLN A 290 -0.77 4.92 -3.64
CA GLN A 290 -0.73 5.02 -2.19
C GLN A 290 0.43 5.86 -1.70
N ASN A 291 1.18 6.50 -2.61
CA ASN A 291 2.31 7.34 -2.23
C ASN A 291 2.25 8.68 -2.96
N ILE A 292 1.05 9.19 -3.21
CA ILE A 292 0.91 10.49 -3.86
C ILE A 292 1.41 11.58 -2.92
N PRO A 293 2.20 12.55 -3.39
CA PRO A 293 2.71 13.57 -2.49
C PRO A 293 1.60 14.30 -1.74
N VAL A 294 1.92 14.72 -0.53
CA VAL A 294 0.98 15.49 0.30
C VAL A 294 1.75 16.36 1.29
N ARG A 295 2.99 15.98 1.59
CA ARG A 295 3.77 16.68 2.63
C ARG A 295 3.98 18.14 2.28
N THR A 296 4.69 18.41 1.19
CA THR A 296 5.14 19.75 0.88
C THR A 296 4.09 20.52 0.10
N PRO A 297 4.22 21.85 0.03
CA PRO A 297 3.28 22.63 -0.81
C PRO A 297 3.19 22.13 -2.24
N LEU A 298 4.33 21.93 -2.91
CA LEU A 298 4.31 21.39 -4.26
C LEU A 298 3.64 20.02 -4.29
N GLY A 299 3.88 19.20 -3.27
CA GLY A 299 3.20 17.92 -3.20
C GLY A 299 1.68 18.08 -3.18
N GLN A 300 1.19 19.04 -2.40
CA GLN A 300 -0.24 19.28 -2.35
C GLN A 300 -0.77 19.82 -3.67
N ARG A 301 0.05 20.58 -4.41
CA ARG A 301 -0.33 21.00 -5.75
C ARG A 301 -0.57 19.79 -6.65
N ILE A 302 0.30 18.78 -6.56
CA ILE A 302 0.11 17.56 -7.35
C ILE A 302 -1.14 16.83 -6.90
N ARG A 303 -1.38 16.81 -5.58
CA ARG A 303 -2.52 16.07 -5.04
C ARG A 303 -3.84 16.63 -5.54
N ARG A 304 -3.91 17.94 -5.80
CA ARG A 304 -5.13 18.55 -6.31
C ARG A 304 -5.49 18.05 -7.72
N ALA A 305 -4.54 17.48 -8.44
CA ALA A 305 -4.82 16.95 -9.77
C ALA A 305 -5.80 15.80 -9.75
N PHE A 306 -5.92 15.11 -8.62
CA PHE A 306 -6.89 14.02 -8.46
C PHE A 306 -8.25 14.64 -8.14
N ILE A 307 -9.17 14.57 -9.09
CA ILE A 307 -10.43 15.28 -9.02
C ILE A 307 -11.57 14.29 -9.18
N ALA A 308 -12.78 14.77 -8.94
CA ALA A 308 -13.99 13.97 -9.06
C ALA A 308 -14.64 14.15 -10.43
N GLU A 309 -15.42 13.15 -10.82
CA GLU A 309 -16.26 13.29 -12.01
C GLU A 309 -17.26 14.41 -11.82
N GLU A 310 -17.60 15.08 -12.92
CA GLU A 310 -18.61 16.12 -12.88
C GLU A 310 -19.95 15.54 -12.42
N GLY A 311 -20.53 16.17 -11.39
CA GLY A 311 -21.71 15.62 -10.74
C GLY A 311 -21.41 14.70 -9.59
N TRP A 312 -20.13 14.50 -9.26
CA TRP A 312 -19.70 13.64 -8.17
C TRP A 312 -18.80 14.43 -7.24
N LEU A 313 -18.53 13.85 -6.06
CA LEU A 313 -17.61 14.42 -5.10
C LEU A 313 -16.79 13.30 -4.46
N LEU A 314 -15.51 13.56 -4.23
CA LEU A 314 -14.66 12.60 -3.55
C LEU A 314 -14.98 12.60 -2.06
N VAL A 315 -15.06 11.41 -1.49
CA VAL A 315 -15.25 11.23 -0.06
C VAL A 315 -14.03 10.48 0.48
N ALA A 316 -13.29 11.13 1.38
CA ALA A 316 -12.11 10.54 1.99
C ALA A 316 -12.40 10.18 3.44
N LEU A 317 -12.09 8.95 3.83
CA LEU A 317 -12.29 8.48 5.19
C LEU A 317 -10.99 7.86 5.68
N ASP A 318 -10.59 8.21 6.91
CA ASP A 318 -9.28 7.83 7.45
C ASP A 318 -9.42 7.54 8.93
N TYR A 319 -9.05 6.33 9.34
CA TYR A 319 -9.05 5.98 10.76
C TYR A 319 -8.07 6.87 11.52
N SER A 320 -8.44 7.26 12.74
CA SER A 320 -7.62 8.13 13.57
C SER A 320 -6.77 7.29 14.51
N GLN A 321 -5.47 7.57 14.54
CA GLN A 321 -4.54 6.91 15.46
C GLN A 321 -4.76 5.39 15.43
N ILE A 322 -4.88 4.84 14.22
CA ILE A 322 -5.43 3.51 14.06
C ILE A 322 -4.58 2.47 14.81
N GLU A 323 -3.27 2.47 14.59
CA GLU A 323 -2.44 1.44 15.18
C GLU A 323 -2.25 1.65 16.68
N LEU A 324 -2.44 2.87 17.18
CA LEU A 324 -2.44 3.08 18.62
C LEU A 324 -3.71 2.52 19.24
N ARG A 325 -4.86 2.71 18.59
CA ARG A 325 -6.10 2.07 19.04
C ARG A 325 -5.98 0.56 19.00
N VAL A 326 -5.44 0.03 17.90
CA VAL A 326 -5.20 -1.42 17.80
C VAL A 326 -4.26 -1.87 18.91
N LEU A 327 -3.21 -1.09 19.17
CA LEU A 327 -2.27 -1.45 20.22
C LEU A 327 -2.96 -1.52 21.57
N ALA A 328 -3.85 -0.57 21.86
CA ALA A 328 -4.59 -0.59 23.11
C ALA A 328 -5.41 -1.88 23.25
N HIS A 329 -5.99 -2.36 22.16
CA HIS A 329 -6.79 -3.57 22.22
C HIS A 329 -5.91 -4.80 22.35
N LEU A 330 -4.80 -4.85 21.62
CA LEU A 330 -3.94 -6.03 21.64
C LEU A 330 -3.27 -6.20 23.00
N SER A 331 -2.78 -5.11 23.59
CA SER A 331 -2.11 -5.20 24.88
C SER A 331 -3.10 -5.19 26.03
N GLY A 332 -4.15 -4.37 25.93
CA GLY A 332 -5.09 -4.20 27.01
C GLY A 332 -4.71 -3.14 28.02
N ASP A 333 -3.76 -2.27 27.68
CA ASP A 333 -3.27 -1.26 28.62
C ASP A 333 -4.41 -0.37 29.07
N GLU A 334 -4.77 -0.47 30.36
CA GLU A 334 -5.86 0.34 30.88
C GLU A 334 -5.63 1.82 30.63
N ASN A 335 -4.37 2.28 30.76
CA ASN A 335 -4.07 3.67 30.52
C ASN A 335 -4.36 4.04 29.06
N LEU A 336 -3.65 3.40 28.12
CA LEU A 336 -3.85 3.71 26.71
C LEU A 336 -5.31 3.52 26.30
N ILE A 337 -5.99 2.54 26.91
CA ILE A 337 -7.43 2.39 26.66
C ILE A 337 -8.18 3.63 27.13
N ARG A 338 -7.89 4.09 28.35
CA ARG A 338 -8.57 5.26 28.89
C ARG A 338 -8.23 6.51 28.08
N VAL A 339 -7.05 6.54 27.45
CA VAL A 339 -6.67 7.68 26.63
C VAL A 339 -7.70 7.92 25.54
N PHE A 340 -8.07 6.87 24.82
CA PHE A 340 -9.03 7.00 23.73
C PHE A 340 -10.47 7.15 24.23
N GLN A 341 -10.74 6.75 25.48
CA GLN A 341 -12.05 6.99 26.05
C GLN A 341 -12.27 8.46 26.39
N GLU A 342 -11.18 9.23 26.54
CA GLU A 342 -11.26 10.67 26.77
C GLU A 342 -11.10 11.47 25.48
N GLY A 343 -11.09 10.79 24.33
CA GLY A 343 -10.92 11.49 23.07
C GLY A 343 -9.62 12.26 22.96
N ARG A 344 -8.54 11.72 23.52
CA ARG A 344 -7.24 12.35 23.41
C ARG A 344 -6.57 11.96 22.10
N ASP A 345 -5.63 12.82 21.67
CA ASP A 345 -4.90 12.63 20.42
C ASP A 345 -3.41 12.63 20.75
N ILE A 346 -2.76 11.47 20.60
CA ILE A 346 -1.35 11.35 20.95
C ILE A 346 -0.49 12.12 19.96
N HIS A 347 -0.84 12.07 18.68
CA HIS A 347 -0.04 12.77 17.67
C HIS A 347 -0.03 14.27 17.92
N THR A 348 -1.11 14.83 18.46
CA THR A 348 -1.14 16.25 18.78
C THR A 348 -0.38 16.53 20.06
N GLU A 349 -0.48 15.64 21.05
CA GLU A 349 0.23 15.85 22.31
C GLU A 349 1.73 15.70 22.14
N THR A 350 2.16 14.75 21.31
CA THR A 350 3.59 14.63 21.00
C THR A 350 4.07 15.80 20.17
N ALA A 351 3.29 16.20 19.16
CA ALA A 351 3.68 17.29 18.28
C ALA A 351 3.81 18.62 19.02
N SER A 352 3.21 18.74 20.20
CA SER A 352 3.23 19.99 20.95
C SER A 352 4.44 20.09 21.86
N TRP A 353 4.97 18.97 22.34
CA TRP A 353 6.28 18.99 22.99
C TRP A 353 7.39 19.22 21.97
N MET A 354 7.29 18.61 20.80
CA MET A 354 8.33 18.73 19.79
C MET A 354 8.60 20.20 19.46
N PHE A 355 7.54 20.98 19.26
CA PHE A 355 7.66 22.34 18.75
C PHE A 355 7.37 23.40 19.81
N GLY A 356 7.28 23.02 21.08
CA GLY A 356 7.05 23.99 22.14
C GLY A 356 5.82 24.83 21.94
N VAL A 357 4.81 24.29 21.27
CA VAL A 357 3.59 25.03 20.94
C VAL A 357 2.43 24.37 21.67
N PRO A 358 1.46 25.14 22.19
CA PRO A 358 0.29 24.51 22.82
C PRO A 358 -0.51 23.68 21.83
N ARG A 359 -1.30 22.77 22.37
CA ARG A 359 -2.13 21.88 21.55
C ARG A 359 -2.97 22.66 20.54
N GLU A 360 -3.25 23.93 20.80
CA GLU A 360 -4.13 24.71 19.93
C GLU A 360 -3.48 24.96 18.58
N ALA A 361 -2.29 25.57 18.60
CA ALA A 361 -1.62 26.02 17.39
C ALA A 361 -0.77 24.93 16.74
N VAL A 362 -1.19 23.67 16.84
CA VAL A 362 -0.45 22.56 16.26
C VAL A 362 -0.95 22.38 14.83
N ASP A 363 -0.15 22.86 13.87
CA ASP A 363 -0.44 22.72 12.44
C ASP A 363 -0.47 21.23 12.09
N PRO A 364 -0.77 20.87 10.83
CA PRO A 364 -0.77 19.46 10.45
C PRO A 364 0.57 18.97 9.95
N LEU A 365 1.54 19.86 9.75
CA LEU A 365 2.87 19.46 9.34
C LEU A 365 3.72 19.01 10.52
N MET A 366 3.47 19.58 11.70
CA MET A 366 4.20 19.20 12.90
C MET A 366 3.58 18.00 13.60
N ARG A 367 2.29 17.73 13.36
CA ARG A 367 1.67 16.51 13.86
C ARG A 367 2.02 15.31 12.99
N ARG A 368 2.14 15.52 11.68
CA ARG A 368 2.67 14.47 10.81
C ARG A 368 4.05 14.04 11.25
N ALA A 369 4.87 14.99 11.70
CA ALA A 369 6.19 14.66 12.22
C ALA A 369 6.09 13.86 13.51
N ALA A 370 5.05 14.11 14.32
CA ALA A 370 4.88 13.36 15.55
C ALA A 370 4.57 11.90 15.29
N LYS A 371 3.91 11.58 14.18
CA LYS A 371 3.65 10.20 13.83
C LYS A 371 4.95 9.42 13.69
N THR A 372 5.91 9.97 12.96
CA THR A 372 7.23 9.35 12.86
C THR A 372 7.82 9.11 14.23
N ILE A 373 7.69 10.09 15.13
CA ILE A 373 8.25 9.95 16.47
C ILE A 373 7.49 8.91 17.26
N ASN A 374 6.17 9.05 17.36
CA ASN A 374 5.37 8.12 18.15
C ASN A 374 5.51 6.69 17.64
N PHE A 375 5.27 6.49 16.34
CA PHE A 375 5.39 5.16 15.77
C PHE A 375 6.86 4.71 15.71
N GLY A 376 7.77 5.65 15.50
CA GLY A 376 9.19 5.33 15.59
C GLY A 376 9.54 4.78 16.95
N VAL A 377 9.35 5.60 17.99
CA VAL A 377 9.63 5.16 19.36
C VAL A 377 8.94 3.83 19.64
N LEU A 378 7.70 3.68 19.17
CA LEU A 378 6.92 2.50 19.53
C LEU A 378 7.59 1.21 19.06
N TYR A 379 8.19 1.22 17.87
CA TYR A 379 8.70 0.00 17.25
C TYR A 379 10.22 -0.10 17.32
N GLY A 380 10.83 0.30 18.43
CA GLY A 380 12.24 0.04 18.67
C GLY A 380 13.20 1.12 18.21
N MET A 381 12.74 2.34 18.04
CA MET A 381 13.61 3.43 17.60
C MET A 381 14.69 3.70 18.64
N SER A 382 15.93 3.84 18.18
CA SER A 382 17.06 4.05 19.08
C SER A 382 17.07 5.48 19.59
N ALA A 383 17.56 5.65 20.82
CA ALA A 383 17.70 6.99 21.39
C ALA A 383 18.59 7.87 20.53
N HIS A 384 19.54 7.27 19.82
CA HIS A 384 20.48 8.05 19.01
C HIS A 384 19.75 8.76 17.87
N ARG A 385 19.02 8.01 17.04
CA ARG A 385 18.43 8.62 15.86
C ARG A 385 17.32 9.59 16.22
N LEU A 386 16.65 9.39 17.37
CA LEU A 386 15.63 10.33 17.80
C LEU A 386 16.21 11.71 18.06
N SER A 387 17.51 11.77 18.40
CA SER A 387 18.10 13.04 18.82
C SER A 387 18.24 14.01 17.64
N GLN A 388 18.82 13.55 16.53
CA GLN A 388 19.26 14.43 15.47
C GLN A 388 18.21 14.73 14.42
N GLU A 389 16.93 14.47 14.70
CA GLU A 389 15.88 14.85 13.76
C GLU A 389 14.85 15.79 14.36
N LEU A 390 14.45 15.62 15.62
CA LEU A 390 13.71 16.65 16.31
C LEU A 390 14.62 17.64 17.03
N ALA A 391 15.92 17.61 16.71
CA ALA A 391 16.87 18.67 17.05
C ALA A 391 17.03 18.82 18.55
N ILE A 392 17.58 17.78 19.17
CA ILE A 392 17.82 17.79 20.62
C ILE A 392 19.13 17.09 20.93
N PRO A 393 19.89 17.57 21.94
CA PRO A 393 21.08 16.85 22.40
C PRO A 393 20.83 15.37 22.67
N PHE A 408 2.63 3.95 29.59
CA PHE A 408 1.86 2.81 29.11
C PHE A 408 2.53 1.51 29.55
N PRO A 409 2.36 1.17 30.83
CA PRO A 409 3.18 0.08 31.40
C PRO A 409 3.14 -1.24 30.65
N LYS A 410 1.97 -1.77 30.33
CA LYS A 410 1.87 -3.15 29.86
C LYS A 410 1.96 -3.28 28.34
N VAL A 411 2.38 -2.24 27.63
CA VAL A 411 2.76 -2.41 26.23
C VAL A 411 3.97 -3.33 26.13
N ARG A 412 4.99 -3.06 26.95
CA ARG A 412 6.18 -3.91 26.97
C ARG A 412 5.82 -5.35 27.31
N ALA A 413 4.87 -5.54 28.23
CA ALA A 413 4.45 -6.89 28.58
C ALA A 413 3.92 -7.63 27.36
N TRP A 414 3.12 -6.95 26.53
CA TRP A 414 2.58 -7.59 25.33
C TRP A 414 3.67 -7.83 24.29
N ILE A 415 4.61 -6.89 24.16
CA ILE A 415 5.71 -7.09 23.22
C ILE A 415 6.45 -8.39 23.52
N GLU A 416 6.83 -8.57 24.79
CA GLU A 416 7.57 -9.78 25.16
C GLU A 416 6.71 -11.03 25.00
N LYS A 417 5.48 -10.98 25.49
CA LYS A 417 4.54 -12.08 25.27
C LYS A 417 4.46 -12.43 23.78
N THR A 418 4.47 -11.40 22.92
CA THR A 418 4.42 -11.65 21.49
C THR A 418 5.72 -12.26 20.99
N LEU A 419 6.86 -11.68 21.38
CA LEU A 419 8.14 -12.21 20.93
C LEU A 419 8.38 -13.63 21.46
N GLU A 420 8.08 -13.86 22.74
CA GLU A 420 8.26 -15.19 23.31
C GLU A 420 7.43 -16.23 22.55
N GLU A 421 6.14 -15.93 22.34
CA GLU A 421 5.30 -16.84 21.55
C GLU A 421 5.80 -16.95 20.12
N GLY A 422 6.31 -15.85 19.57
CA GLY A 422 6.88 -15.91 18.23
C GLY A 422 8.10 -16.81 18.17
N ARG A 423 8.97 -16.74 19.17
CA ARG A 423 10.11 -17.64 19.24
C ARG A 423 9.67 -19.09 19.38
N ARG A 424 8.56 -19.33 20.07
CA ARG A 424 8.14 -20.70 20.37
C ARG A 424 7.47 -21.36 19.19
N ARG A 425 6.63 -20.61 18.45
CA ARG A 425 5.86 -21.18 17.35
C ARG A 425 6.37 -20.75 15.98
N GLY A 426 7.34 -19.83 15.93
CA GLY A 426 7.92 -19.40 14.67
C GLY A 426 7.19 -18.28 13.97
N TYR A 427 5.93 -18.01 14.36
CA TYR A 427 5.14 -16.97 13.72
C TYR A 427 4.44 -16.12 14.76
N VAL A 428 4.26 -14.86 14.43
CA VAL A 428 3.36 -13.99 15.16
C VAL A 428 2.03 -13.95 14.40
N GLU A 429 1.01 -13.35 15.00
CA GLU A 429 -0.30 -13.35 14.37
C GLU A 429 -1.05 -12.08 14.74
N THR A 430 -1.96 -11.68 13.86
CA THR A 430 -2.83 -10.54 14.10
C THR A 430 -4.01 -10.97 14.98
N LEU A 431 -4.92 -10.03 15.22
CA LEU A 431 -6.09 -10.33 16.04
C LEU A 431 -6.94 -11.42 15.41
N PHE A 432 -7.04 -11.44 14.09
CA PHE A 432 -7.88 -12.39 13.38
C PHE A 432 -7.14 -13.68 13.00
N GLY A 433 -5.85 -13.78 13.32
CA GLY A 433 -5.09 -14.98 13.04
C GLY A 433 -4.19 -14.93 11.82
N ARG A 434 -4.03 -13.77 11.20
CA ARG A 434 -3.09 -13.66 10.08
C ARG A 434 -1.67 -13.81 10.60
N ARG A 435 -0.91 -14.71 9.99
CA ARG A 435 0.40 -15.09 10.48
C ARG A 435 1.52 -14.46 9.64
N ARG A 436 2.62 -14.12 10.33
CA ARG A 436 3.88 -13.83 9.68
C ARG A 436 4.96 -14.65 10.38
N TYR A 437 5.76 -15.36 9.60
CA TYR A 437 6.82 -16.20 10.13
C TYR A 437 8.11 -15.40 10.26
N VAL A 438 8.64 -15.34 11.48
CA VAL A 438 9.86 -14.58 11.76
C VAL A 438 10.90 -15.55 12.31
N PRO A 439 11.61 -16.29 11.45
CA PRO A 439 12.54 -17.32 11.97
C PRO A 439 13.76 -16.75 12.67
N ASP A 440 14.16 -15.52 12.37
CA ASP A 440 15.39 -14.96 12.91
C ASP A 440 15.25 -14.46 14.34
N LEU A 441 14.15 -14.77 15.03
CA LEU A 441 14.00 -14.33 16.41
C LEU A 441 14.97 -15.02 17.36
N GLU A 442 15.62 -16.10 16.95
CA GLU A 442 16.64 -16.75 17.76
C GLU A 442 18.01 -16.72 17.07
N ALA A 443 18.19 -15.83 16.11
CA ALA A 443 19.49 -15.69 15.45
C ALA A 443 20.56 -15.33 16.46
N ARG A 444 21.78 -15.77 16.20
CA ARG A 444 22.88 -15.56 17.14
C ARG A 444 23.53 -14.20 16.97
N VAL A 445 23.38 -13.56 15.82
CA VAL A 445 23.85 -12.20 15.63
C VAL A 445 22.78 -11.25 16.19
N LYS A 446 23.17 -10.45 17.18
CA LYS A 446 22.20 -9.59 17.86
C LYS A 446 21.45 -8.71 16.87
N SER A 447 22.19 -7.99 16.02
CA SER A 447 21.55 -7.04 15.11
C SER A 447 20.52 -7.73 14.23
N VAL A 448 20.82 -8.92 13.72
CA VAL A 448 19.84 -9.67 12.96
C VAL A 448 18.66 -10.07 13.85
N ARG A 449 18.95 -10.48 15.09
CA ARG A 449 17.90 -10.89 16.00
C ARG A 449 16.97 -9.72 16.34
N GLU A 450 17.55 -8.57 16.67
CA GLU A 450 16.73 -7.45 17.11
C GLU A 450 15.96 -6.83 15.94
N ALA A 451 16.52 -6.86 14.73
CA ALA A 451 15.76 -6.41 13.57
C ALA A 451 14.54 -7.31 13.35
N ALA A 452 14.73 -8.63 13.44
CA ALA A 452 13.61 -9.55 13.34
C ALA A 452 12.58 -9.28 14.42
N GLU A 453 13.04 -8.94 15.62
CA GLU A 453 12.11 -8.62 16.71
C GLU A 453 11.24 -7.42 16.36
N ARG A 454 11.85 -6.37 15.80
CA ARG A 454 11.06 -5.20 15.41
C ARG A 454 10.04 -5.56 14.34
N MET A 455 10.45 -6.35 13.35
CA MET A 455 9.48 -6.85 12.37
C MET A 455 8.41 -7.70 13.04
N ALA A 456 8.77 -8.42 14.11
CA ALA A 456 7.87 -9.41 14.67
C ALA A 456 6.69 -8.75 15.40
N PHE A 457 6.98 -7.88 16.37
CA PHE A 457 5.90 -7.31 17.16
C PHE A 457 5.21 -6.13 16.49
N ASN A 458 5.74 -5.65 15.35
CA ASN A 458 5.02 -4.67 14.55
C ASN A 458 3.90 -5.32 13.74
N MET A 459 4.11 -6.56 13.28
CA MET A 459 3.16 -7.20 12.37
C MET A 459 1.77 -7.33 12.98
N PRO A 460 1.61 -7.82 14.22
CA PRO A 460 0.24 -7.92 14.75
C PRO A 460 -0.47 -6.58 14.83
N VAL A 461 0.25 -5.49 15.05
CA VAL A 461 -0.38 -4.18 15.15
C VAL A 461 -0.74 -3.64 13.78
N GLN A 462 0.20 -3.71 12.83
CA GLN A 462 -0.07 -3.24 11.48
C GLN A 462 -0.97 -4.20 10.73
N GLY A 463 -0.89 -5.50 11.01
CA GLY A 463 -1.72 -6.46 10.32
C GLY A 463 -3.16 -6.44 10.79
N THR A 464 -3.38 -6.25 12.09
CA THR A 464 -4.74 -6.12 12.60
C THR A 464 -5.42 -4.89 12.02
N ALA A 465 -4.72 -3.76 11.99
CA ALA A 465 -5.26 -2.58 11.33
C ALA A 465 -5.53 -2.86 9.86
N ALA A 466 -4.67 -3.65 9.20
CA ALA A 466 -4.91 -4.02 7.82
C ALA A 466 -6.11 -4.96 7.70
N ASP A 467 -6.27 -5.87 8.65
CA ASP A 467 -7.43 -6.76 8.66
C ASP A 467 -8.72 -5.95 8.76
N LEU A 468 -8.81 -5.07 9.76
CA LEU A 468 -10.01 -4.26 9.95
C LEU A 468 -10.36 -3.49 8.68
N MET A 469 -9.35 -2.95 8.00
CA MET A 469 -9.61 -2.15 6.80
C MET A 469 -10.12 -3.01 5.67
N LYS A 470 -9.46 -4.15 5.41
CA LYS A 470 -9.95 -5.09 4.42
C LYS A 470 -11.39 -5.50 4.72
N LEU A 471 -11.65 -5.83 5.98
CA LEU A 471 -12.99 -6.27 6.37
C LEU A 471 -14.01 -5.14 6.19
N ALA A 472 -13.60 -3.90 6.48
CA ALA A 472 -14.49 -2.78 6.26
C ALA A 472 -14.84 -2.64 4.78
N MET A 473 -13.84 -2.75 3.91
CA MET A 473 -14.09 -2.65 2.48
C MET A 473 -15.08 -3.71 2.01
N VAL A 474 -14.95 -4.93 2.55
CA VAL A 474 -15.86 -6.01 2.17
C VAL A 474 -17.30 -5.65 2.53
N LYS A 475 -17.52 -5.11 3.73
CA LYS A 475 -18.86 -4.79 4.19
C LYS A 475 -19.39 -3.50 3.56
N LEU A 476 -18.50 -2.56 3.22
CA LEU A 476 -18.94 -1.27 2.70
C LEU A 476 -19.26 -1.35 1.20
N PHE A 477 -18.47 -2.10 0.44
CA PHE A 477 -18.60 -2.04 -1.02
C PHE A 477 -20.00 -2.33 -1.51
N PRO A 478 -20.65 -3.45 -1.16
CA PRO A 478 -22.00 -3.70 -1.68
C PRO A 478 -22.98 -2.60 -1.29
N ARG A 479 -22.76 -1.94 -0.15
CA ARG A 479 -23.60 -0.81 0.21
C ARG A 479 -23.39 0.35 -0.75
N LEU A 480 -22.15 0.58 -1.18
CA LEU A 480 -21.87 1.65 -2.14
C LEU A 480 -22.56 1.38 -3.47
N GLU A 481 -22.55 0.12 -3.92
CA GLU A 481 -23.26 -0.22 -5.16
C GLU A 481 -24.72 0.18 -5.08
N GLU A 482 -25.36 -0.05 -3.93
CA GLU A 482 -26.77 0.31 -3.76
C GLU A 482 -26.97 1.81 -3.96
N MET A 483 -26.08 2.63 -3.40
CA MET A 483 -26.21 4.08 -3.46
C MET A 483 -25.64 4.68 -4.73
N GLY A 484 -25.22 3.85 -5.68
CA GLY A 484 -24.60 4.36 -6.90
C GLY A 484 -23.28 5.05 -6.67
N ALA A 485 -22.56 4.70 -5.61
CA ALA A 485 -21.25 5.26 -5.33
C ALA A 485 -20.15 4.30 -5.76
N ARG A 486 -18.92 4.80 -5.73
CA ARG A 486 -17.76 4.04 -6.16
C ARG A 486 -16.69 4.05 -5.08
N MET A 487 -15.89 3.00 -5.07
CA MET A 487 -14.69 2.91 -4.24
C MET A 487 -13.48 3.07 -5.16
N LEU A 488 -12.73 4.15 -4.97
CA LEU A 488 -11.63 4.49 -5.87
C LEU A 488 -10.29 3.98 -5.38
N LEU A 489 -9.93 4.23 -4.13
CA LEU A 489 -8.61 3.92 -3.64
C LEU A 489 -8.69 3.44 -2.19
N GLN A 490 -7.70 2.66 -1.80
CA GLN A 490 -7.43 2.34 -0.41
C GLN A 490 -6.00 2.76 -0.12
N VAL A 491 -5.80 3.50 0.97
CA VAL A 491 -4.48 3.95 1.35
C VAL A 491 -4.18 3.45 2.76
N HIS A 492 -4.13 2.13 2.91
CA HIS A 492 -3.74 1.47 4.14
C HIS A 492 -4.81 1.61 5.22
N ASP A 493 -5.02 2.81 5.75
CA ASP A 493 -6.09 3.05 6.72
C ASP A 493 -7.07 4.09 6.23
N GLU A 494 -7.13 4.31 4.93
CA GLU A 494 -7.98 5.35 4.34
C GLU A 494 -8.69 4.79 3.12
N LEU A 495 -9.90 5.30 2.89
CA LEU A 495 -10.67 4.97 1.69
C LEU A 495 -11.06 6.26 0.99
N VAL A 496 -10.89 6.27 -0.34
CA VAL A 496 -11.32 7.38 -1.19
C VAL A 496 -12.48 6.87 -2.03
N LEU A 497 -13.65 7.46 -1.83
CA LEU A 497 -14.86 7.07 -2.54
C LEU A 497 -15.30 8.19 -3.48
N GLU A 498 -16.12 7.80 -4.47
CA GLU A 498 -16.72 8.74 -5.39
C GLU A 498 -18.22 8.52 -5.37
N ALA A 499 -18.97 9.56 -4.98
CA ALA A 499 -20.41 9.49 -4.90
C ALA A 499 -21.02 10.66 -5.63
N PRO A 500 -22.20 10.48 -6.25
CA PRO A 500 -22.89 11.62 -6.85
C PRO A 500 -23.08 12.74 -5.83
N LYS A 501 -23.08 13.98 -6.33
CA LYS A 501 -23.22 15.14 -5.45
C LYS A 501 -24.48 15.03 -4.60
N GLU A 502 -25.58 14.57 -5.20
CA GLU A 502 -26.85 14.51 -4.48
C GLU A 502 -26.84 13.45 -3.37
N ARG A 503 -25.86 12.54 -3.39
CA ARG A 503 -25.79 11.47 -2.41
C ARG A 503 -24.49 11.47 -1.61
N ALA A 504 -23.58 12.39 -1.88
CA ALA A 504 -22.26 12.33 -1.26
C ALA A 504 -22.35 12.40 0.26
N GLU A 505 -23.25 13.21 0.79
CA GLU A 505 -23.32 13.39 2.24
C GLU A 505 -23.77 12.10 2.92
N ALA A 506 -24.82 11.47 2.41
CA ALA A 506 -25.29 10.22 3.01
C ALA A 506 -24.24 9.11 2.84
N VAL A 507 -23.57 9.09 1.70
CA VAL A 507 -22.49 8.11 1.49
C VAL A 507 -21.40 8.32 2.53
N ALA A 508 -21.01 9.58 2.77
CA ALA A 508 -20.00 9.86 3.77
C ALA A 508 -20.44 9.37 5.15
N ARG A 509 -21.69 9.64 5.52
CA ARG A 509 -22.18 9.24 6.83
C ARG A 509 -22.29 7.73 6.95
N LEU A 510 -22.64 7.03 5.86
CA LEU A 510 -22.71 5.58 5.91
C LEU A 510 -21.33 4.97 6.02
N ALA A 511 -20.43 5.33 5.09
CA ALA A 511 -19.08 4.76 5.10
C ALA A 511 -18.39 5.03 6.43
N LYS A 512 -18.55 6.23 6.97
CA LYS A 512 -18.04 6.53 8.31
C LYS A 512 -18.55 5.52 9.32
N GLU A 513 -19.82 5.15 9.22
CA GLU A 513 -20.43 4.23 10.18
C GLU A 513 -19.91 2.81 10.00
N VAL A 514 -19.84 2.34 8.75
CA VAL A 514 -19.36 0.98 8.48
C VAL A 514 -17.95 0.81 9.02
N MET A 515 -17.08 1.80 8.79
CA MET A 515 -15.68 1.66 9.14
C MET A 515 -15.48 1.69 10.65
N GLU A 516 -16.23 2.54 11.36
CA GLU A 516 -16.04 2.67 12.80
C GLU A 516 -16.56 1.44 13.55
N GLY A 517 -17.56 0.77 13.00
CA GLY A 517 -18.15 -0.39 13.68
C GLY A 517 -17.90 -1.69 12.94
N VAL A 518 -16.79 -1.78 12.20
CA VAL A 518 -16.51 -2.96 11.40
C VAL A 518 -16.27 -4.16 12.31
N TYR A 519 -15.49 -3.98 13.37
CA TYR A 519 -15.19 -5.06 14.31
C TYR A 519 -14.88 -4.42 15.65
N PRO A 520 -15.89 -4.26 16.51
CA PRO A 520 -15.70 -3.53 17.76
C PRO A 520 -14.48 -3.99 18.54
N LEU A 521 -13.73 -3.02 19.07
CA LEU A 521 -12.58 -3.25 19.92
C LEU A 521 -12.87 -2.69 21.31
N ALA A 522 -11.92 -2.89 22.22
CA ALA A 522 -12.04 -2.36 23.57
C ALA A 522 -11.90 -0.84 23.61
N VAL A 523 -11.55 -0.21 22.50
CA VAL A 523 -11.52 1.24 22.40
C VAL A 523 -12.28 1.65 21.14
N PRO A 524 -12.97 2.79 21.14
CA PRO A 524 -13.77 3.16 19.96
C PRO A 524 -12.90 3.48 18.76
N LEU A 525 -13.30 2.96 17.61
CA LEU A 525 -12.70 3.34 16.34
C LEU A 525 -13.43 4.58 15.81
N GLU A 526 -12.66 5.62 15.52
CA GLU A 526 -13.19 6.86 14.97
C GLU A 526 -12.54 7.16 13.63
N VAL A 527 -13.27 7.85 12.77
CA VAL A 527 -12.87 8.09 11.39
C VAL A 527 -13.06 9.56 11.08
N GLU A 528 -12.02 10.21 10.57
CA GLU A 528 -12.14 11.54 10.01
C GLU A 528 -12.58 11.43 8.55
N VAL A 529 -13.59 12.21 8.18
CA VAL A 529 -14.18 12.14 6.86
C VAL A 529 -14.19 13.55 6.26
N GLY A 530 -13.94 13.63 4.95
CA GLY A 530 -13.99 14.90 4.26
C GLY A 530 -14.57 14.72 2.86
N ILE A 531 -15.13 15.81 2.35
CA ILE A 531 -15.76 15.83 1.04
C ILE A 531 -15.22 17.02 0.26
N GLY A 532 -14.94 16.82 -1.02
CA GLY A 532 -14.40 17.89 -1.84
C GLY A 532 -14.36 17.49 -3.30
N GLU A 533 -14.11 18.48 -4.15
CA GLU A 533 -14.00 18.27 -5.59
C GLU A 533 -12.66 17.64 -5.97
N ASP A 534 -11.63 17.78 -5.14
CA ASP A 534 -10.33 17.18 -5.39
C ASP A 534 -9.84 16.50 -4.13
N TRP A 535 -8.77 15.72 -4.27
CA TRP A 535 -8.31 14.89 -3.16
C TRP A 535 -7.80 15.73 -2.00
N LEU A 536 -7.31 16.93 -2.25
CA LEU A 536 -6.80 17.75 -1.15
C LEU A 536 -7.93 18.42 -0.39
N SER A 537 -8.94 18.93 -1.09
CA SER A 537 -10.10 19.53 -0.40
C SER A 537 -10.94 18.49 0.33
N ALA A 538 -10.73 17.20 0.05
CA ALA A 538 -11.48 16.13 0.70
C ALA A 538 -10.83 15.64 1.99
N LYS A 539 -9.71 16.24 2.39
CA LYS A 539 -9.04 15.84 3.63
C LYS A 539 -8.82 17.06 4.53
#